data_1PKJ
#
_entry.id   1PKJ
#
_cell.length_a   110.740
_cell.length_b   110.740
_cell.length_c   110.740
_cell.angle_alpha   90.00
_cell.angle_beta   90.00
_cell.angle_gamma   90.00
#
_symmetry.space_group_name_H-M   'P 21 3'
#
loop_
_entity.id
_entity.type
_entity.pdbx_description
1 polymer 'Bifunctional deaminase/diphosphatase'
2 non-polymer 1,2-ETHANEDIOL
3 non-polymer "DEOXYURIDINE-5'-TRIPHOSPHATE"
4 water water
#
_entity_poly.entity_id   1
_entity_poly.type   'polypeptide(L)'
_entity_poly.pdbx_seq_one_letter_code
;MILSDKDIIDYVTSKRIIIKPFNKDFVGPCSYDVTLGDEFIIYDDEVYDLSKELNYKRIKIKNSILVCPLNYNLTEEKIN
YFKEKYNVDYVVEGGVLGTTNEYIELPNDISAQYQGRSSLGRVFLTSHQTAGWIDAGFKGKITLEIVAFDKPVILYKNQR
IGQLIFSKLLSPADVGYSERKTSKYAYQKSVMPSLIHLDNHKKD
;
_entity_poly.pdbx_strand_id   A,B
#
# COMPACT_ATOMS: atom_id res chain seq x y z
N MET A 1 -8.85 -3.24 -25.81
CA MET A 1 -8.08 -2.77 -26.99
C MET A 1 -6.81 -2.03 -26.60
N ILE A 2 -5.78 -2.24 -27.39
CA ILE A 2 -4.48 -1.62 -27.15
C ILE A 2 -4.43 -0.23 -27.78
N LEU A 3 -3.95 0.73 -27.00
CA LEU A 3 -3.80 2.10 -27.46
C LEU A 3 -2.71 2.21 -28.54
N SER A 4 -3.01 2.87 -29.65
CA SER A 4 -2.03 3.05 -30.71
C SER A 4 -1.27 4.33 -30.38
N ASP A 5 -0.29 4.66 -31.22
CA ASP A 5 0.51 5.86 -31.02
C ASP A 5 -0.37 7.11 -30.87
N LYS A 6 -1.42 7.20 -31.68
CA LYS A 6 -2.33 8.34 -31.62
C LYS A 6 -3.04 8.46 -30.28
N ASP A 7 -3.41 7.32 -29.71
CA ASP A 7 -4.10 7.28 -28.42
C ASP A 7 -3.11 7.64 -27.30
N ILE A 8 -1.90 7.10 -27.36
CA ILE A 8 -0.90 7.40 -26.34
C ILE A 8 -0.66 8.91 -26.31
N ILE A 9 -0.47 9.51 -27.48
CA ILE A 9 -0.24 10.95 -27.58
C ILE A 9 -1.40 11.74 -26.96
N ASP A 10 -2.64 11.36 -27.29
CA ASP A 10 -3.81 12.06 -26.73
C ASP A 10 -3.85 11.99 -25.21
N TYR A 11 -3.69 10.78 -24.67
CA TYR A 11 -3.73 10.56 -23.22
C TYR A 11 -2.63 11.27 -22.46
N VAL A 12 -1.46 11.42 -23.07
CA VAL A 12 -0.39 12.13 -22.40
C VAL A 12 -0.68 13.62 -22.46
N THR A 13 -1.15 14.07 -23.61
CA THR A 13 -1.46 15.48 -23.80
C THR A 13 -2.47 16.00 -22.79
N SER A 14 -3.54 15.23 -22.56
CA SER A 14 -4.57 15.65 -21.60
C SER A 14 -4.25 15.23 -20.17
N LYS A 15 -3.10 14.57 -19.99
CA LYS A 15 -2.66 14.10 -18.68
C LYS A 15 -3.49 12.95 -18.11
N ARG A 16 -4.20 12.24 -18.98
CA ARG A 16 -4.99 11.10 -18.54
C ARG A 16 -3.95 10.05 -18.12
N ILE A 17 -2.86 9.98 -18.88
CA ILE A 17 -1.76 9.08 -18.55
C ILE A 17 -0.53 9.96 -18.33
N ILE A 18 0.08 9.86 -17.15
CA ILE A 18 1.26 10.65 -16.86
C ILE A 18 2.52 9.85 -17.19
N ILE A 19 3.50 10.51 -17.81
CA ILE A 19 4.77 9.86 -18.14
C ILE A 19 5.84 10.94 -17.96
N LYS A 20 6.73 10.74 -16.99
CA LYS A 20 7.79 11.72 -16.71
C LYS A 20 9.16 11.08 -16.50
N PRO A 21 10.15 11.46 -17.32
CA PRO A 21 10.04 12.41 -18.43
C PRO A 21 9.39 11.77 -19.65
N PHE A 22 8.83 12.59 -20.52
CA PHE A 22 8.17 12.10 -21.74
C PHE A 22 8.96 12.49 -22.99
N ASN A 23 9.15 11.50 -23.86
CA ASN A 23 9.86 11.71 -25.11
C ASN A 23 8.93 11.27 -26.23
N LYS A 24 8.44 12.22 -27.00
CA LYS A 24 7.51 11.91 -28.07
C LYS A 24 8.06 10.89 -29.06
N ASP A 25 9.38 10.83 -29.20
CA ASP A 25 9.98 9.86 -30.13
C ASP A 25 10.07 8.46 -29.56
N PHE A 26 9.60 8.27 -28.32
CA PHE A 26 9.62 6.96 -27.69
C PHE A 26 8.26 6.30 -27.93
N VAL A 27 7.35 7.02 -28.56
CA VAL A 27 6.04 6.47 -28.86
C VAL A 27 6.14 5.61 -30.11
N GLY A 28 5.88 4.32 -29.96
CA GLY A 28 5.92 3.43 -31.09
C GLY A 28 4.52 3.18 -31.62
N PRO A 29 4.36 2.31 -32.62
CA PRO A 29 3.06 2.00 -33.21
C PRO A 29 1.98 1.70 -32.16
N CYS A 30 2.32 0.94 -31.13
CA CYS A 30 1.35 0.63 -30.09
C CYS A 30 1.95 0.38 -28.69
N SER A 31 2.97 1.17 -28.37
CA SER A 31 3.64 1.09 -27.08
C SER A 31 4.48 2.35 -26.86
N TYR A 32 5.08 2.45 -25.68
CA TYR A 32 5.94 3.57 -25.32
C TYR A 32 7.23 3.01 -24.76
N ASP A 33 8.36 3.39 -25.35
CA ASP A 33 9.65 2.87 -24.86
C ASP A 33 10.06 3.53 -23.53
N VAL A 34 10.63 2.75 -22.62
CA VAL A 34 11.12 3.31 -21.36
C VAL A 34 12.61 3.01 -21.27
N THR A 35 13.32 3.79 -20.44
CA THR A 35 14.76 3.66 -20.31
C THR A 35 15.30 3.22 -18.94
N LEU A 36 16.50 2.65 -18.97
CA LEU A 36 17.17 2.13 -17.77
C LEU A 36 17.82 3.17 -16.87
N GLY A 37 17.39 3.18 -15.60
CA GLY A 37 17.94 4.11 -14.61
C GLY A 37 19.35 3.68 -14.25
N ASP A 38 20.09 4.55 -13.56
CA ASP A 38 21.47 4.20 -13.20
C ASP A 38 21.61 3.59 -11.82
N GLU A 39 20.49 3.39 -11.12
CA GLU A 39 20.56 2.80 -9.80
C GLU A 39 20.07 1.36 -9.80
N PHE A 40 20.85 0.48 -9.19
CA PHE A 40 20.53 -0.93 -9.12
C PHE A 40 20.60 -1.42 -7.68
N ILE A 41 19.87 -2.49 -7.40
CA ILE A 41 19.83 -3.08 -6.07
C ILE A 41 20.18 -4.56 -6.15
N ILE A 42 21.06 -4.98 -5.24
CA ILE A 42 21.50 -6.37 -5.18
C ILE A 42 21.20 -6.89 -3.79
N TYR A 43 20.42 -7.97 -3.71
CA TYR A 43 20.06 -8.57 -2.42
C TYR A 43 21.27 -9.24 -1.77
N ASP A 44 21.23 -9.32 -0.45
CA ASP A 44 22.32 -9.95 0.30
C ASP A 44 21.77 -10.83 1.42
N ASP A 45 21.15 -11.95 1.03
CA ASP A 45 20.58 -12.90 1.98
C ASP A 45 20.76 -14.31 1.45
N GLU A 46 20.85 -15.26 2.37
CA GLU A 46 21.01 -16.67 2.02
C GLU A 46 19.77 -17.18 1.28
N VAL A 47 18.59 -16.85 1.80
CA VAL A 47 17.34 -17.24 1.19
C VAL A 47 16.38 -16.05 1.26
N TYR A 48 15.33 -16.07 0.44
CA TYR A 48 14.36 -14.98 0.44
C TYR A 48 13.06 -15.36 1.13
N ASP A 49 12.82 -14.72 2.28
CA ASP A 49 11.61 -14.94 3.06
C ASP A 49 10.84 -13.63 3.07
N LEU A 50 9.76 -13.57 2.30
CA LEU A 50 8.93 -12.37 2.16
C LEU A 50 8.36 -11.82 3.47
N SER A 51 8.42 -12.59 4.54
CA SER A 51 7.87 -12.12 5.82
C SER A 51 8.81 -11.06 6.40
N LYS A 52 10.03 -11.02 5.87
CA LYS A 52 11.04 -10.08 6.35
C LYS A 52 11.40 -9.03 5.30
N GLU A 53 12.11 -8.00 5.75
CA GLU A 53 12.58 -6.96 4.85
C GLU A 53 13.96 -7.49 4.46
N LEU A 54 14.15 -7.80 3.17
CA LEU A 54 15.43 -8.33 2.70
C LEU A 54 16.58 -7.34 2.72
N ASN A 55 17.77 -7.83 3.02
CA ASN A 55 18.97 -6.99 3.04
C ASN A 55 19.45 -6.79 1.62
N TYR A 56 19.92 -5.58 1.31
CA TYR A 56 20.39 -5.29 -0.03
C TYR A 56 21.43 -4.19 -0.06
N LYS A 57 22.02 -4.00 -1.23
CA LYS A 57 23.03 -2.96 -1.45
C LYS A 57 22.57 -2.10 -2.62
N ARG A 58 22.75 -0.80 -2.50
CA ARG A 58 22.37 0.14 -3.56
C ARG A 58 23.61 0.64 -4.28
N ILE A 59 23.74 0.32 -5.56
CA ILE A 59 24.88 0.78 -6.33
C ILE A 59 24.40 1.74 -7.41
N LYS A 60 25.28 2.63 -7.85
CA LYS A 60 24.95 3.60 -8.88
C LYS A 60 26.08 3.60 -9.90
N ILE A 61 25.79 3.15 -11.12
CA ILE A 61 26.80 3.09 -12.17
C ILE A 61 26.98 4.44 -12.86
N LYS A 62 28.18 4.68 -13.39
CA LYS A 62 28.42 5.93 -14.09
C LYS A 62 27.93 5.86 -15.53
N ASN A 63 28.13 4.70 -16.16
CA ASN A 63 27.72 4.53 -17.55
C ASN A 63 27.21 3.15 -17.93
N SER A 64 27.91 2.11 -17.49
CA SER A 64 27.49 0.76 -17.87
C SER A 64 27.71 -0.31 -16.81
N ILE A 65 27.08 -1.46 -17.05
CA ILE A 65 27.16 -2.59 -16.15
C ILE A 65 27.13 -3.90 -16.93
N LEU A 66 27.85 -4.90 -16.43
CA LEU A 66 27.88 -6.22 -17.07
C LEU A 66 27.10 -7.20 -16.21
N VAL A 67 26.00 -7.70 -16.75
CA VAL A 67 25.17 -8.65 -16.03
C VAL A 67 25.51 -10.06 -16.50
N CYS A 68 26.04 -10.86 -15.58
CA CYS A 68 26.41 -12.25 -15.88
C CYS A 68 25.35 -13.20 -15.40
N PRO A 69 25.20 -14.34 -16.07
CA PRO A 69 24.20 -15.32 -15.65
C PRO A 69 24.54 -15.83 -14.24
N LEU A 70 23.55 -16.37 -13.55
CA LEU A 70 23.74 -16.91 -12.19
C LEU A 70 24.80 -18.01 -12.22
N ASN A 71 25.52 -18.17 -11.12
CA ASN A 71 26.57 -19.19 -11.00
C ASN A 71 27.70 -18.98 -12.00
N TYR A 72 27.94 -17.73 -12.39
CA TYR A 72 29.00 -17.43 -13.33
C TYR A 72 30.33 -17.46 -12.57
N ASN A 73 30.25 -17.39 -11.25
CA ASN A 73 31.44 -17.41 -10.40
C ASN A 73 32.38 -16.26 -10.71
N LEU A 74 32.01 -15.07 -10.25
CA LEU A 74 32.81 -13.86 -10.47
C LEU A 74 33.82 -13.61 -9.35
N THR A 75 35.08 -13.89 -9.63
CA THR A 75 36.13 -13.67 -8.65
C THR A 75 36.74 -12.29 -8.92
N GLU A 76 37.43 -11.73 -7.94
CA GLU A 76 38.04 -10.42 -8.11
C GLU A 76 38.88 -10.37 -9.38
N GLU A 77 39.55 -11.47 -9.67
CA GLU A 77 40.40 -11.56 -10.86
C GLU A 77 39.56 -11.41 -12.13
N LYS A 78 38.46 -12.15 -12.20
CA LYS A 78 37.57 -12.11 -13.35
C LYS A 78 36.90 -10.74 -13.49
N ILE A 79 36.46 -10.20 -12.36
CA ILE A 79 35.79 -8.90 -12.35
C ILE A 79 36.69 -7.80 -12.92
N ASN A 80 37.93 -7.75 -12.47
CA ASN A 80 38.86 -6.74 -12.98
C ASN A 80 39.13 -6.97 -14.45
N TYR A 81 39.08 -8.22 -14.87
CA TYR A 81 39.31 -8.56 -16.27
C TYR A 81 38.22 -7.95 -17.13
N PHE A 82 36.97 -8.19 -16.76
CA PHE A 82 35.84 -7.65 -17.51
C PHE A 82 35.82 -6.11 -17.49
N LYS A 83 36.00 -5.53 -16.30
CA LYS A 83 36.00 -4.08 -16.18
C LYS A 83 37.04 -3.42 -17.08
N GLU A 84 38.20 -4.05 -17.21
CA GLU A 84 39.26 -3.49 -18.04
C GLU A 84 39.07 -3.79 -19.53
N LYS A 85 38.62 -5.01 -19.83
CA LYS A 85 38.42 -5.39 -21.23
C LYS A 85 37.20 -4.74 -21.89
N TYR A 86 36.14 -4.51 -21.12
CA TYR A 86 34.93 -3.92 -21.68
C TYR A 86 34.58 -2.55 -21.11
N ASN A 87 35.39 -2.09 -20.16
CA ASN A 87 35.18 -0.78 -19.55
C ASN A 87 33.81 -0.63 -18.90
N VAL A 88 33.41 -1.63 -18.12
CA VAL A 88 32.13 -1.56 -17.41
C VAL A 88 32.41 -1.12 -15.98
N ASP A 89 31.53 -0.28 -15.45
CA ASP A 89 31.69 0.25 -14.09
C ASP A 89 31.44 -0.79 -13.02
N TYR A 90 30.51 -1.70 -13.29
CA TYR A 90 30.17 -2.75 -12.34
C TYR A 90 29.96 -4.07 -13.03
N VAL A 91 30.28 -5.15 -12.32
CA VAL A 91 30.10 -6.49 -12.82
C VAL A 91 29.30 -7.26 -11.79
N VAL A 92 28.15 -7.82 -12.19
CA VAL A 92 27.30 -8.60 -11.28
C VAL A 92 26.89 -9.92 -11.91
N GLU A 93 26.42 -10.84 -11.08
CA GLU A 93 25.96 -12.13 -11.57
C GLU A 93 24.62 -12.44 -10.92
N GLY A 94 23.75 -13.14 -11.63
CA GLY A 94 22.46 -13.47 -11.08
C GLY A 94 21.46 -12.34 -11.21
N GLY A 95 20.43 -12.35 -10.37
CA GLY A 95 19.40 -11.33 -10.42
C GLY A 95 19.79 -9.98 -9.85
N VAL A 96 19.38 -8.92 -10.52
CA VAL A 96 19.66 -7.58 -10.05
C VAL A 96 18.44 -6.70 -10.32
N LEU A 97 18.10 -5.87 -9.35
CA LEU A 97 16.96 -4.99 -9.51
C LEU A 97 17.37 -3.65 -10.09
N GLY A 98 16.57 -3.17 -11.03
CA GLY A 98 16.83 -1.90 -11.66
C GLY A 98 15.53 -1.11 -11.66
N THR A 99 15.52 0.02 -12.33
CA THR A 99 14.34 0.85 -12.41
C THR A 99 14.31 1.64 -13.71
N THR A 100 13.13 2.04 -14.14
CA THR A 100 13.02 2.84 -15.35
C THR A 100 13.23 4.28 -14.89
N ASN A 101 13.69 5.14 -15.78
CA ASN A 101 13.87 6.54 -15.42
C ASN A 101 12.47 7.15 -15.35
N GLU A 102 11.58 6.58 -16.16
CA GLU A 102 10.22 7.08 -16.27
C GLU A 102 9.27 6.80 -15.10
N TYR A 103 8.57 7.85 -14.69
CA TYR A 103 7.57 7.77 -13.64
C TYR A 103 6.23 7.83 -14.39
N ILE A 104 5.30 6.93 -14.08
CA ILE A 104 4.01 6.93 -14.76
C ILE A 104 2.82 6.98 -13.81
N GLU A 105 1.67 7.42 -14.34
CA GLU A 105 0.43 7.43 -13.58
C GLU A 105 -0.63 6.92 -14.53
N LEU A 106 -1.34 5.88 -14.12
CA LEU A 106 -2.38 5.31 -14.95
C LEU A 106 -3.75 5.68 -14.42
N PRO A 107 -4.68 6.04 -15.31
CA PRO A 107 -6.05 6.40 -14.91
C PRO A 107 -6.84 5.15 -14.50
N ASN A 108 -8.11 5.32 -14.17
CA ASN A 108 -8.93 4.18 -13.74
C ASN A 108 -9.48 3.37 -14.91
N ASP A 109 -9.19 3.79 -16.14
CA ASP A 109 -9.69 3.08 -17.32
C ASP A 109 -8.58 2.53 -18.21
N ILE A 110 -7.37 2.47 -17.68
CA ILE A 110 -6.22 1.98 -18.44
C ILE A 110 -5.37 1.03 -17.61
N SER A 111 -4.89 -0.03 -18.24
CA SER A 111 -4.00 -0.97 -17.57
C SER A 111 -2.81 -1.03 -18.52
N ALA A 112 -1.61 -1.08 -17.97
CA ALA A 112 -0.41 -1.13 -18.79
C ALA A 112 0.38 -2.40 -18.57
N GLN A 113 1.08 -2.84 -19.59
CA GLN A 113 1.91 -4.02 -19.47
C GLN A 113 3.34 -3.69 -19.87
N TYR A 114 4.29 -4.05 -19.02
CA TYR A 114 5.70 -3.81 -19.31
C TYR A 114 6.29 -5.06 -19.95
N GLN A 115 7.16 -4.87 -20.94
CA GLN A 115 7.83 -5.99 -21.58
C GLN A 115 9.25 -5.54 -21.90
N GLY A 116 10.22 -6.41 -21.65
CA GLY A 116 11.60 -6.07 -21.96
C GLY A 116 11.71 -6.02 -23.47
N ARG A 117 12.62 -5.21 -24.00
CA ARG A 117 12.76 -5.10 -25.44
C ARG A 117 13.26 -6.35 -26.16
N SER A 118 12.73 -6.56 -27.36
CA SER A 118 13.07 -7.71 -28.19
C SER A 118 14.56 -7.85 -28.51
N SER A 119 15.22 -6.72 -28.78
CA SER A 119 16.64 -6.75 -29.12
C SER A 119 17.46 -7.36 -27.98
N LEU A 120 17.03 -7.13 -26.75
CA LEU A 120 17.76 -7.70 -25.60
C LEU A 120 17.31 -9.14 -25.37
N GLY A 121 16.04 -9.42 -25.68
CA GLY A 121 15.55 -10.77 -25.53
C GLY A 121 16.30 -11.68 -26.49
N ARG A 122 16.77 -11.08 -27.58
CA ARG A 122 17.51 -11.79 -28.62
C ARG A 122 18.89 -12.24 -28.12
N VAL A 123 19.38 -11.61 -27.05
CA VAL A 123 20.66 -12.01 -26.46
C VAL A 123 20.43 -12.61 -25.08
N PHE A 124 19.20 -13.06 -24.87
CA PHE A 124 18.80 -13.69 -23.63
C PHE A 124 18.95 -12.81 -22.39
N LEU A 125 18.65 -11.52 -22.55
CA LEU A 125 18.71 -10.59 -21.43
C LEU A 125 17.27 -10.16 -21.15
N THR A 126 16.83 -10.39 -19.93
CA THR A 126 15.47 -10.02 -19.54
C THR A 126 15.48 -9.00 -18.40
N SER A 127 14.50 -8.10 -18.43
CA SER A 127 14.37 -7.06 -17.41
C SER A 127 13.03 -7.25 -16.66
N HIS A 128 12.45 -8.44 -16.80
CA HIS A 128 11.19 -8.80 -16.13
C HIS A 128 10.99 -10.30 -16.30
N GLN A 129 10.50 -10.99 -15.27
CA GLN A 129 10.27 -12.43 -15.39
C GLN A 129 8.80 -12.84 -15.25
N THR A 130 7.91 -11.86 -15.18
CA THR A 130 6.47 -12.14 -15.10
C THR A 130 5.82 -11.35 -16.24
N ALA A 131 4.56 -11.66 -16.54
CA ALA A 131 3.82 -10.99 -17.61
C ALA A 131 4.02 -9.47 -17.53
N GLY A 132 3.98 -8.94 -16.31
CA GLY A 132 4.20 -7.52 -16.12
C GLY A 132 3.04 -6.56 -16.24
N TRP A 133 1.81 -7.05 -16.07
CA TRP A 133 0.63 -6.19 -16.12
C TRP A 133 0.64 -5.28 -14.90
N ILE A 134 0.26 -4.02 -15.09
CA ILE A 134 0.23 -3.02 -14.04
C ILE A 134 -1.21 -2.56 -13.82
N ASP A 135 -1.64 -2.50 -12.56
CA ASP A 135 -3.02 -2.10 -12.24
C ASP A 135 -3.37 -0.67 -12.63
N ALA A 136 -4.62 -0.48 -13.05
CA ALA A 136 -5.10 0.84 -13.39
C ALA A 136 -4.98 1.61 -12.07
N GLY A 137 -4.66 2.89 -12.16
CA GLY A 137 -4.53 3.69 -10.95
C GLY A 137 -3.12 3.70 -10.40
N PHE A 138 -2.25 2.88 -10.96
CA PHE A 138 -0.85 2.81 -10.51
C PHE A 138 -0.11 4.14 -10.67
N LYS A 139 0.74 4.44 -9.70
CA LYS A 139 1.54 5.65 -9.72
C LYS A 139 2.97 5.29 -9.31
N GLY A 140 3.94 5.57 -10.16
CA GLY A 140 5.32 5.27 -9.82
C GLY A 140 6.19 4.84 -10.99
N LYS A 141 7.46 4.61 -10.71
CA LYS A 141 8.38 4.16 -11.73
C LYS A 141 8.21 2.65 -11.86
N ILE A 142 8.82 2.04 -12.87
CA ILE A 142 8.70 0.61 -13.08
C ILE A 142 9.90 -0.12 -12.51
N THR A 143 9.67 -1.07 -11.61
CA THR A 143 10.77 -1.84 -11.05
C THR A 143 11.16 -2.89 -12.08
N LEU A 144 12.46 -3.06 -12.27
CA LEU A 144 12.96 -4.04 -13.24
C LEU A 144 13.71 -5.16 -12.56
N GLU A 145 13.52 -6.38 -13.05
CA GLU A 145 14.21 -7.56 -12.52
C GLU A 145 15.04 -8.04 -13.71
N ILE A 146 16.35 -7.78 -13.62
CA ILE A 146 17.27 -8.12 -14.70
C ILE A 146 18.05 -9.42 -14.51
N VAL A 147 17.94 -10.30 -15.50
CA VAL A 147 18.65 -11.58 -15.47
C VAL A 147 19.14 -11.96 -16.87
N ALA A 148 20.38 -12.43 -16.93
CA ALA A 148 20.97 -12.87 -18.19
C ALA A 148 20.91 -14.41 -18.14
N PHE A 149 20.43 -15.02 -19.21
CA PHE A 149 20.28 -16.47 -19.26
C PHE A 149 21.25 -17.26 -20.13
N ASP A 150 22.19 -16.58 -20.77
CA ASP A 150 23.16 -17.28 -21.61
C ASP A 150 24.59 -16.82 -21.31
N LYS A 151 24.92 -15.60 -21.74
CA LYS A 151 26.25 -15.05 -21.52
C LYS A 151 26.09 -13.68 -20.89
N PRO A 152 27.17 -13.12 -20.32
CA PRO A 152 27.07 -11.79 -19.72
C PRO A 152 26.63 -10.78 -20.78
N VAL A 153 25.80 -9.82 -20.38
CA VAL A 153 25.32 -8.81 -21.31
C VAL A 153 25.65 -7.44 -20.76
N ILE A 154 26.08 -6.54 -21.64
CA ILE A 154 26.41 -5.18 -21.21
C ILE A 154 25.18 -4.29 -21.34
N LEU A 155 24.83 -3.59 -20.28
CA LEU A 155 23.69 -2.68 -20.30
C LEU A 155 24.22 -1.28 -20.04
N TYR A 156 23.63 -0.28 -20.69
CA TYR A 156 24.08 1.09 -20.52
C TYR A 156 23.03 1.97 -19.85
N LYS A 157 23.51 2.92 -19.06
CA LYS A 157 22.65 3.87 -18.37
C LYS A 157 21.81 4.63 -19.40
N ASN A 158 20.53 4.81 -19.11
CA ASN A 158 19.62 5.54 -19.96
C ASN A 158 19.24 4.91 -21.29
N GLN A 159 19.71 3.69 -21.55
CA GLN A 159 19.36 3.04 -22.81
C GLN A 159 17.91 2.59 -22.75
N ARG A 160 17.30 2.39 -23.92
CA ARG A 160 15.92 1.93 -23.94
C ARG A 160 16.03 0.48 -23.43
N ILE A 161 15.24 0.16 -22.42
CA ILE A 161 15.27 -1.17 -21.80
C ILE A 161 14.03 -2.00 -22.11
N GLY A 162 12.90 -1.34 -22.34
CA GLY A 162 11.67 -2.04 -22.64
C GLY A 162 10.56 -1.12 -23.14
N GLN A 163 9.34 -1.64 -23.11
CA GLN A 163 8.18 -0.87 -23.57
C GLN A 163 6.98 -1.08 -22.67
N LEU A 164 6.08 -0.10 -22.70
CA LEU A 164 4.83 -0.17 -21.95
C LEU A 164 3.72 -0.29 -22.98
N ILE A 165 2.87 -1.32 -22.84
CA ILE A 165 1.74 -1.57 -23.74
C ILE A 165 0.49 -1.14 -22.96
N PHE A 166 -0.23 -0.15 -23.47
CA PHE A 166 -1.43 0.34 -22.80
C PHE A 166 -2.71 -0.26 -23.35
N SER A 167 -3.56 -0.76 -22.46
CA SER A 167 -4.81 -1.36 -22.89
C SER A 167 -6.00 -0.72 -22.17
N LYS A 168 -7.10 -0.55 -22.88
CA LYS A 168 -8.31 0.02 -22.28
C LYS A 168 -8.99 -1.02 -21.42
N LEU A 169 -9.65 -0.57 -20.36
CA LEU A 169 -10.39 -1.47 -19.50
C LEU A 169 -11.82 -1.50 -20.04
N LEU A 170 -12.53 -2.59 -19.79
CA LEU A 170 -13.90 -2.72 -20.26
C LEU A 170 -14.80 -1.70 -19.57
N SER A 171 -14.46 -1.36 -18.33
CA SER A 171 -15.22 -0.41 -17.53
C SER A 171 -14.24 0.29 -16.57
N PRO A 172 -14.63 1.45 -16.03
CA PRO A 172 -13.73 2.12 -15.09
C PRO A 172 -13.51 1.22 -13.88
N ALA A 173 -12.30 1.18 -13.36
CA ALA A 173 -12.03 0.34 -12.21
C ALA A 173 -11.96 1.16 -10.92
N ASP A 174 -12.24 0.47 -9.82
CA ASP A 174 -12.15 1.07 -8.49
C ASP A 174 -10.66 0.81 -8.21
N VAL A 175 -9.89 1.89 -8.11
CA VAL A 175 -8.45 1.77 -7.89
C VAL A 175 -8.03 1.29 -6.51
N GLY A 176 -9.00 1.07 -5.63
CA GLY A 176 -8.69 0.61 -4.29
C GLY A 176 -9.08 1.59 -3.19
N TYR A 177 -9.16 2.87 -3.52
CA TYR A 177 -9.54 3.90 -2.58
C TYR A 177 -10.01 5.18 -3.29
N SER A 178 -10.56 6.10 -2.52
CA SER A 178 -11.04 7.38 -3.03
C SER A 178 -10.80 8.47 -1.98
N GLU A 179 -10.64 9.71 -2.44
CA GLU A 179 -10.38 10.85 -1.54
C GLU A 179 -11.35 12.00 -1.82
N ARG A 180 -11.83 12.64 -0.77
CA ARG A 180 -12.75 13.76 -0.91
C ARG A 180 -12.37 14.89 0.07
N MET B 1 -21.25 -2.17 38.00
CA MET B 1 -21.73 -3.49 37.54
C MET B 1 -21.63 -3.60 36.02
N ILE B 2 -20.75 -4.48 35.55
CA ILE B 2 -20.58 -4.68 34.12
C ILE B 2 -21.59 -5.71 33.61
N LEU B 3 -22.27 -5.38 32.51
CA LEU B 3 -23.27 -6.28 31.93
C LEU B 3 -22.62 -7.51 31.33
N SER B 4 -23.24 -8.66 31.58
CA SER B 4 -22.72 -9.93 31.03
C SER B 4 -23.43 -10.16 29.71
N ASP B 5 -23.07 -11.26 29.05
CA ASP B 5 -23.68 -11.61 27.78
C ASP B 5 -25.21 -11.64 27.89
N LYS B 6 -25.70 -12.22 28.99
CA LYS B 6 -27.14 -12.30 29.21
C LYS B 6 -27.82 -10.94 29.26
N ASP B 7 -27.17 -9.98 29.92
CA ASP B 7 -27.72 -8.63 30.02
C ASP B 7 -27.65 -7.88 28.70
N ILE B 8 -26.56 -8.03 27.96
CA ILE B 8 -26.42 -7.36 26.69
C ILE B 8 -27.55 -7.82 25.78
N ILE B 9 -27.72 -9.13 25.67
CA ILE B 9 -28.77 -9.70 24.85
C ILE B 9 -30.14 -9.14 25.27
N ASP B 10 -30.42 -9.06 26.57
CA ASP B 10 -31.71 -8.51 27.03
C ASP B 10 -31.89 -7.05 26.63
N TYR B 11 -30.86 -6.23 26.90
CA TYR B 11 -30.95 -4.80 26.60
C TYR B 11 -31.11 -4.50 25.11
N VAL B 12 -30.48 -5.30 24.26
CA VAL B 12 -30.60 -5.09 22.83
C VAL B 12 -32.01 -5.50 22.39
N THR B 13 -32.48 -6.62 22.92
CA THR B 13 -33.80 -7.14 22.59
C THR B 13 -34.93 -6.14 22.91
N SER B 14 -34.87 -5.52 24.08
CA SER B 14 -35.91 -4.57 24.47
C SER B 14 -35.60 -3.15 23.97
N LYS B 15 -34.50 -3.02 23.23
CA LYS B 15 -34.09 -1.74 22.67
C LYS B 15 -33.65 -0.71 23.70
N ARG B 16 -33.19 -1.17 24.85
CA ARG B 16 -32.70 -0.26 25.87
C ARG B 16 -31.35 0.22 25.34
N ILE B 17 -30.61 -0.69 24.73
CA ILE B 17 -29.33 -0.37 24.11
C ILE B 17 -29.46 -0.68 22.62
N ILE B 18 -29.23 0.34 21.79
CA ILE B 18 -29.31 0.18 20.33
C ILE B 18 -27.94 -0.14 19.75
N ILE B 19 -27.89 -1.11 18.84
CA ILE B 19 -26.67 -1.49 18.18
C ILE B 19 -27.03 -1.90 16.76
N LYS B 20 -26.70 -1.05 15.78
CA LYS B 20 -27.02 -1.31 14.39
C LYS B 20 -25.76 -1.19 13.52
N PRO B 21 -25.38 -2.27 12.83
CA PRO B 21 -26.07 -3.57 12.83
C PRO B 21 -25.68 -4.40 14.05
N PHE B 22 -26.47 -5.45 14.33
CA PHE B 22 -26.22 -6.32 15.48
C PHE B 22 -26.07 -7.79 15.09
N ASN B 23 -25.06 -8.43 15.67
CA ASN B 23 -24.79 -9.84 15.42
C ASN B 23 -24.60 -10.52 16.78
N LYS B 24 -25.50 -11.41 17.16
CA LYS B 24 -25.40 -12.10 18.45
C LYS B 24 -24.08 -12.85 18.60
N ASP B 25 -23.47 -13.22 17.48
CA ASP B 25 -22.18 -13.93 17.53
C ASP B 25 -21.06 -13.02 18.04
N PHE B 26 -21.31 -11.72 18.08
CA PHE B 26 -20.30 -10.77 18.56
C PHE B 26 -20.39 -10.55 20.07
N VAL B 27 -21.41 -11.11 20.69
CA VAL B 27 -21.60 -10.99 22.14
C VAL B 27 -20.61 -11.89 22.87
N GLY B 28 -19.75 -11.29 23.69
CA GLY B 28 -18.78 -12.06 24.44
C GLY B 28 -19.27 -12.22 25.87
N PRO B 29 -18.47 -12.82 26.77
CA PRO B 29 -18.85 -13.03 28.18
C PRO B 29 -19.36 -11.77 28.87
N CYS B 30 -18.70 -10.64 28.60
CA CYS B 30 -19.12 -9.36 29.18
C CYS B 30 -18.72 -8.19 28.30
N SER B 31 -18.94 -8.32 27.00
CA SER B 31 -18.63 -7.25 26.06
C SER B 31 -19.26 -7.55 24.72
N TYR B 32 -19.18 -6.58 23.82
CA TYR B 32 -19.71 -6.74 22.48
C TYR B 32 -18.69 -6.26 21.45
N ASP B 33 -18.32 -7.15 20.55
CA ASP B 33 -17.34 -6.84 19.49
C ASP B 33 -17.93 -5.93 18.42
N VAL B 34 -17.22 -4.86 18.09
CA VAL B 34 -17.64 -3.95 17.03
C VAL B 34 -16.64 -4.11 15.88
N THR B 35 -17.02 -3.64 14.69
CA THR B 35 -16.18 -3.79 13.50
C THR B 35 -15.72 -2.48 12.85
N LEU B 36 -14.65 -2.57 12.08
CA LEU B 36 -14.05 -1.41 11.42
C LEU B 36 -14.72 -0.99 10.12
N GLY B 37 -15.07 0.29 10.04
CA GLY B 37 -15.70 0.83 8.85
C GLY B 37 -14.68 1.04 7.74
N ASP B 38 -15.17 1.25 6.53
CA ASP B 38 -14.28 1.45 5.41
C ASP B 38 -13.94 2.91 5.17
N GLU B 39 -14.43 3.80 6.04
CA GLU B 39 -14.14 5.22 5.88
C GLU B 39 -13.18 5.74 6.94
N PHE B 40 -12.18 6.50 6.48
CA PHE B 40 -11.17 7.05 7.36
C PHE B 40 -10.96 8.54 7.12
N ILE B 41 -10.39 9.22 8.11
CA ILE B 41 -10.12 10.65 8.00
C ILE B 41 -8.68 10.95 8.35
N ILE B 42 -8.03 11.71 7.48
CA ILE B 42 -6.65 12.12 7.64
C ILE B 42 -6.56 13.64 7.67
N TYR B 43 -6.10 14.19 8.79
CA TYR B 43 -5.98 15.65 8.92
C TYR B 43 -4.83 16.13 8.04
N ASP B 44 -4.97 17.32 7.45
CA ASP B 44 -3.90 17.82 6.60
C ASP B 44 -3.42 19.23 6.94
N ASP B 45 -3.50 19.58 8.22
CA ASP B 45 -3.03 20.89 8.68
C ASP B 45 -1.70 20.69 9.36
N GLU B 46 -0.96 21.78 9.55
CA GLU B 46 0.34 21.72 10.18
C GLU B 46 0.25 21.36 11.66
N VAL B 47 -0.69 21.98 12.38
CA VAL B 47 -0.86 21.67 13.80
C VAL B 47 -2.33 21.61 14.18
N TYR B 48 -2.61 20.99 15.34
CA TYR B 48 -3.97 20.87 15.83
C TYR B 48 -4.32 22.00 16.79
N ASP B 49 -5.21 22.87 16.35
CA ASP B 49 -5.67 23.99 17.18
C ASP B 49 -7.17 23.81 17.26
N LEU B 50 -7.64 23.28 18.39
CA LEU B 50 -9.07 23.03 18.60
C LEU B 50 -9.94 24.29 18.59
N SER B 51 -9.30 25.45 18.56
CA SER B 51 -10.06 26.71 18.54
C SER B 51 -10.42 27.04 17.10
N LYS B 52 -9.97 26.20 16.17
CA LYS B 52 -10.25 26.41 14.76
C LYS B 52 -10.85 25.17 14.12
N GLU B 53 -11.46 25.36 12.96
CA GLU B 53 -12.06 24.27 12.21
C GLU B 53 -10.91 23.51 11.57
N LEU B 54 -10.88 22.20 11.77
CA LEU B 54 -9.82 21.37 11.23
C LEU B 54 -10.04 20.93 9.78
N ASN B 55 -8.98 20.99 8.98
CA ASN B 55 -9.03 20.59 7.58
C ASN B 55 -8.64 19.11 7.52
N TYR B 56 -9.31 18.34 6.67
CA TYR B 56 -9.02 16.93 6.56
C TYR B 56 -9.37 16.34 5.19
N LYS B 57 -8.94 15.11 4.98
CA LYS B 57 -9.21 14.39 3.74
C LYS B 57 -9.98 13.12 4.10
N ARG B 58 -11.06 12.85 3.37
CA ARG B 58 -11.87 11.66 3.63
C ARG B 58 -11.40 10.54 2.70
N ILE B 59 -10.99 9.43 3.29
CA ILE B 59 -10.50 8.29 2.54
C ILE B 59 -11.43 7.09 2.72
N LYS B 60 -11.71 6.40 1.63
CA LYS B 60 -12.56 5.21 1.67
C LYS B 60 -11.78 4.09 1.00
N ILE B 61 -11.59 2.99 1.71
CA ILE B 61 -10.85 1.86 1.17
C ILE B 61 -11.78 0.75 0.70
N LYS B 62 -11.27 -0.08 -0.20
CA LYS B 62 -12.03 -1.19 -0.72
C LYS B 62 -11.92 -2.42 0.20
N ASN B 63 -10.70 -2.80 0.57
CA ASN B 63 -10.50 -3.96 1.43
C ASN B 63 -9.63 -3.76 2.67
N SER B 64 -8.42 -3.23 2.50
CA SER B 64 -7.51 -3.04 3.62
C SER B 64 -6.65 -1.79 3.59
N ILE B 65 -6.03 -1.51 4.73
CA ILE B 65 -5.17 -0.36 4.88
C ILE B 65 -3.96 -0.76 5.72
N LEU B 66 -2.80 -0.17 5.40
CA LEU B 66 -1.57 -0.44 6.15
C LEU B 66 -1.28 0.78 7.01
N VAL B 67 -1.28 0.60 8.32
CA VAL B 67 -1.02 1.70 9.24
C VAL B 67 0.41 1.61 9.77
N CYS B 68 1.21 2.61 9.42
CA CYS B 68 2.60 2.65 9.83
C CYS B 68 2.84 3.60 11.00
N PRO B 69 3.84 3.31 11.83
CA PRO B 69 4.14 4.19 12.97
C PRO B 69 4.51 5.56 12.42
N LEU B 70 4.37 6.60 13.24
CA LEU B 70 4.70 7.94 12.80
C LEU B 70 6.18 8.03 12.47
N ASN B 71 6.53 8.89 11.52
CA ASN B 71 7.92 9.07 11.11
C ASN B 71 8.50 7.80 10.51
N TYR B 72 7.64 7.00 9.91
CA TYR B 72 8.10 5.76 9.28
C TYR B 72 8.85 6.14 8.02
N ASN B 73 8.73 7.40 7.62
CA ASN B 73 9.39 7.91 6.42
C ASN B 73 8.92 7.15 5.18
N LEU B 74 7.67 7.37 4.80
CA LEU B 74 7.08 6.71 3.64
C LEU B 74 7.35 7.49 2.36
N THR B 75 8.04 6.84 1.43
CA THR B 75 8.33 7.47 0.14
C THR B 75 7.44 6.81 -0.91
N GLU B 76 7.48 7.34 -2.12
CA GLU B 76 6.68 6.81 -3.22
C GLU B 76 6.98 5.33 -3.42
N GLU B 77 8.26 5.00 -3.46
CA GLU B 77 8.71 3.63 -3.66
C GLU B 77 8.28 2.69 -2.55
N LYS B 78 8.41 3.15 -1.30
CA LYS B 78 8.04 2.32 -0.15
C LYS B 78 6.55 1.97 -0.21
N ILE B 79 5.73 2.97 -0.50
CA ILE B 79 4.29 2.78 -0.60
C ILE B 79 3.95 1.74 -1.65
N ASN B 80 4.49 1.92 -2.86
CA ASN B 80 4.24 0.96 -3.93
C ASN B 80 4.74 -0.42 -3.51
N TYR B 81 5.86 -0.44 -2.79
CA TYR B 81 6.43 -1.69 -2.33
C TYR B 81 5.43 -2.39 -1.41
N PHE B 82 4.90 -1.64 -0.44
CA PHE B 82 3.94 -2.21 0.50
C PHE B 82 2.63 -2.63 -0.17
N LYS B 83 2.13 -1.82 -1.10
CA LYS B 83 0.89 -2.16 -1.77
C LYS B 83 1.01 -3.48 -2.52
N GLU B 84 2.07 -3.63 -3.30
CA GLU B 84 2.27 -4.86 -4.06
C GLU B 84 2.59 -6.07 -3.22
N LYS B 85 3.28 -5.86 -2.10
CA LYS B 85 3.66 -6.96 -1.24
C LYS B 85 2.54 -7.46 -0.33
N TYR B 86 1.74 -6.52 0.18
CA TYR B 86 0.67 -6.87 1.11
C TYR B 86 -0.75 -6.62 0.60
N ASN B 87 -0.87 -6.24 -0.67
CA ASN B 87 -2.17 -6.00 -1.29
C ASN B 87 -3.05 -5.00 -0.55
N VAL B 88 -2.44 -4.02 0.11
CA VAL B 88 -3.22 -3.02 0.80
C VAL B 88 -3.61 -1.92 -0.18
N ASP B 89 -4.79 -1.36 0.03
CA ASP B 89 -5.34 -0.31 -0.83
C ASP B 89 -4.79 1.06 -0.54
N TYR B 90 -4.44 1.28 0.72
CA TYR B 90 -3.95 2.57 1.17
C TYR B 90 -2.89 2.37 2.24
N VAL B 91 -1.88 3.23 2.24
CA VAL B 91 -0.80 3.18 3.20
C VAL B 91 -0.65 4.53 3.88
N VAL B 92 -0.76 4.56 5.20
CA VAL B 92 -0.65 5.81 5.93
C VAL B 92 0.34 5.68 7.09
N GLU B 93 0.90 6.81 7.52
CA GLU B 93 1.83 6.80 8.64
C GLU B 93 1.32 7.81 9.65
N GLY B 94 1.44 7.48 10.94
CA GLY B 94 0.97 8.39 11.97
C GLY B 94 -0.48 8.11 12.32
N GLY B 95 -1.20 9.16 12.73
CA GLY B 95 -2.58 8.98 13.11
C GLY B 95 -3.62 8.99 12.00
N VAL B 96 -4.64 8.16 12.16
CA VAL B 96 -5.73 8.08 11.19
C VAL B 96 -7.03 7.82 11.98
N LEU B 97 -8.09 8.54 11.61
CA LEU B 97 -9.37 8.37 12.26
C LEU B 97 -10.22 7.38 11.48
N GLY B 98 -10.85 6.46 12.21
CA GLY B 98 -11.70 5.49 11.57
C GLY B 98 -13.02 5.50 12.29
N THR B 99 -13.86 4.51 12.03
CA THR B 99 -15.17 4.44 12.67
C THR B 99 -15.66 3.00 12.69
N THR B 100 -16.47 2.68 13.68
CA THR B 100 -17.04 1.34 13.78
C THR B 100 -18.20 1.35 12.79
N ASN B 101 -18.60 0.18 12.33
CA ASN B 101 -19.73 0.12 11.40
C ASN B 101 -20.97 0.30 12.26
N GLU B 102 -20.90 -0.24 13.47
CA GLU B 102 -22.02 -0.19 14.41
C GLU B 102 -22.40 1.18 14.93
N TYR B 103 -23.68 1.51 14.83
CA TYR B 103 -24.22 2.78 15.34
C TYR B 103 -24.89 2.39 16.66
N ILE B 104 -24.64 3.14 17.72
CA ILE B 104 -25.24 2.81 19.00
C ILE B 104 -26.02 3.95 19.65
N GLU B 105 -26.92 3.57 20.56
CA GLU B 105 -27.71 4.51 21.35
C GLU B 105 -27.70 3.93 22.76
N LEU B 106 -27.25 4.74 23.72
CA LEU B 106 -27.19 4.29 25.10
C LEU B 106 -28.27 4.98 25.94
N PRO B 107 -28.94 4.20 26.82
CA PRO B 107 -30.00 4.71 27.70
C PRO B 107 -29.37 5.56 28.80
N ASN B 108 -30.22 6.18 29.62
CA ASN B 108 -29.75 7.04 30.71
C ASN B 108 -29.23 6.29 31.93
N ASP B 109 -29.26 4.96 31.90
CA ASP B 109 -28.77 4.17 33.03
C ASP B 109 -27.58 3.28 32.65
N ILE B 110 -26.99 3.57 31.49
CA ILE B 110 -25.86 2.78 31.01
C ILE B 110 -24.72 3.62 30.44
N SER B 111 -23.49 3.32 30.86
CA SER B 111 -22.31 4.01 30.32
C SER B 111 -21.52 2.90 29.62
N ALA B 112 -20.87 3.23 28.52
CA ALA B 112 -20.11 2.22 27.81
C ALA B 112 -18.66 2.63 27.61
N GLN B 113 -17.76 1.65 27.56
CA GLN B 113 -16.36 1.94 27.34
C GLN B 113 -15.88 1.15 26.13
N TYR B 114 -15.22 1.82 25.20
CA TYR B 114 -14.69 1.14 24.04
C TYR B 114 -13.21 0.85 24.30
N GLN B 115 -12.77 -0.33 23.90
CA GLN B 115 -11.37 -0.69 24.03
C GLN B 115 -10.98 -1.42 22.77
N GLY B 116 -9.75 -1.18 22.31
CA GLY B 116 -9.26 -1.83 21.11
C GLY B 116 -9.05 -3.31 21.39
N ARG B 117 -9.20 -4.10 20.34
CA ARG B 117 -9.06 -5.56 20.40
C ARG B 117 -7.71 -6.01 20.99
N SER B 118 -7.75 -7.12 21.75
CA SER B 118 -6.54 -7.66 22.37
C SER B 118 -5.54 -8.20 21.36
N SER B 119 -6.02 -8.88 20.33
CA SER B 119 -5.11 -9.42 19.32
C SER B 119 -4.35 -8.29 18.62
N LEU B 120 -4.98 -7.14 18.44
CA LEU B 120 -4.32 -5.99 17.81
C LEU B 120 -3.39 -5.32 18.80
N GLY B 121 -3.81 -5.27 20.06
CA GLY B 121 -2.97 -4.66 21.09
C GLY B 121 -1.65 -5.42 21.20
N ARG B 122 -1.69 -6.72 20.98
CA ARG B 122 -0.48 -7.55 21.07
C ARG B 122 0.49 -7.25 19.93
N VAL B 123 0.03 -6.56 18.89
CA VAL B 123 0.92 -6.19 17.79
C VAL B 123 1.10 -4.67 17.78
N PHE B 124 0.82 -4.08 18.94
CA PHE B 124 0.99 -2.66 19.18
C PHE B 124 0.15 -1.70 18.35
N LEU B 125 -1.03 -2.17 17.95
CA LEU B 125 -1.95 -1.35 17.17
C LEU B 125 -3.11 -0.99 18.11
N THR B 126 -3.36 0.30 18.27
CA THR B 126 -4.45 0.78 19.10
C THR B 126 -5.46 1.52 18.23
N SER B 127 -6.73 1.44 18.61
CA SER B 127 -7.81 2.11 17.86
C SER B 127 -8.47 3.14 18.77
N HIS B 128 -7.82 3.43 19.89
CA HIS B 128 -8.30 4.43 20.85
C HIS B 128 -7.17 4.89 21.75
N GLN B 129 -7.03 6.20 21.87
CA GLN B 129 -5.98 6.81 22.67
C GLN B 129 -6.38 7.04 24.13
N THR B 130 -7.67 7.25 24.36
CA THR B 130 -8.19 7.48 25.71
C THR B 130 -8.84 6.23 26.29
N ALA B 131 -9.25 6.31 27.56
CA ALA B 131 -9.89 5.18 28.24
C ALA B 131 -11.09 4.68 27.45
N GLY B 132 -11.78 5.58 26.76
CA GLY B 132 -12.92 5.19 25.94
C GLY B 132 -14.33 5.21 26.52
N TRP B 133 -14.51 5.80 27.69
CA TRP B 133 -15.84 5.88 28.30
C TRP B 133 -16.76 6.77 27.46
N ILE B 134 -18.00 6.32 27.30
CA ILE B 134 -19.02 7.01 26.52
C ILE B 134 -20.22 7.34 27.41
N ASP B 135 -20.63 8.60 27.42
CA ASP B 135 -21.76 9.05 28.26
C ASP B 135 -23.08 8.33 28.04
N ALA B 136 -23.85 8.20 29.11
CA ALA B 136 -25.18 7.62 29.02
C ALA B 136 -25.93 8.62 28.13
N GLY B 137 -26.86 8.14 27.33
CA GLY B 137 -27.60 9.02 26.45
C GLY B 137 -26.93 9.23 25.10
N PHE B 138 -25.69 8.77 24.97
CA PHE B 138 -24.95 8.92 23.71
C PHE B 138 -25.62 8.25 22.51
N LYS B 139 -25.50 8.88 21.35
CA LYS B 139 -26.05 8.35 20.10
C LYS B 139 -25.06 8.57 18.97
N GLY B 140 -24.82 7.53 18.17
CA GLY B 140 -23.89 7.66 17.07
C GLY B 140 -22.95 6.48 16.93
N LYS B 141 -22.08 6.55 15.93
CA LYS B 141 -21.08 5.52 15.71
C LYS B 141 -19.89 5.87 16.58
N ILE B 142 -18.98 4.91 16.77
CA ILE B 142 -17.81 5.16 17.61
C ILE B 142 -16.63 5.59 16.76
N THR B 143 -16.07 6.75 17.06
CA THR B 143 -14.92 7.25 16.33
C THR B 143 -13.68 6.52 16.83
N LEU B 144 -12.83 6.07 15.92
CA LEU B 144 -11.61 5.36 16.30
C LEU B 144 -10.34 6.18 16.02
N GLU B 145 -9.40 6.11 16.96
CA GLU B 145 -8.11 6.81 16.81
C GLU B 145 -7.08 5.70 16.63
N ILE B 146 -6.70 5.45 15.39
CA ILE B 146 -5.77 4.38 15.06
C ILE B 146 -4.30 4.80 14.96
N VAL B 147 -3.45 4.16 15.75
CA VAL B 147 -2.02 4.44 15.74
C VAL B 147 -1.25 3.16 15.96
N ALA B 148 -0.18 2.97 15.20
CA ALA B 148 0.67 1.78 15.33
C ALA B 148 1.91 2.24 16.07
N PHE B 149 2.32 1.50 17.10
CA PHE B 149 3.48 1.88 17.89
C PHE B 149 4.76 1.06 17.72
N ASP B 150 4.75 0.04 16.88
CA ASP B 150 5.97 -0.75 16.70
C ASP B 150 6.33 -0.95 15.23
N LYS B 151 5.45 -1.62 14.48
CA LYS B 151 5.69 -1.83 13.07
C LYS B 151 4.38 -1.68 12.29
N PRO B 152 4.45 -1.51 10.97
CA PRO B 152 3.21 -1.36 10.19
C PRO B 152 2.25 -2.52 10.47
N VAL B 153 0.96 -2.21 10.50
CA VAL B 153 -0.07 -3.21 10.76
C VAL B 153 -1.16 -3.16 9.69
N ILE B 154 -1.60 -4.32 9.22
CA ILE B 154 -2.64 -4.37 8.20
C ILE B 154 -4.00 -4.46 8.87
N LEU B 155 -4.94 -3.62 8.43
CA LEU B 155 -6.29 -3.66 8.99
C LEU B 155 -7.23 -3.96 7.84
N TYR B 156 -8.27 -4.74 8.13
CA TYR B 156 -9.22 -5.14 7.11
C TYR B 156 -10.60 -4.53 7.31
N LYS B 157 -11.24 -4.20 6.21
CA LYS B 157 -12.59 -3.64 6.24
C LYS B 157 -13.49 -4.66 6.96
N ASN B 158 -14.40 -4.18 7.79
CA ASN B 158 -15.35 -5.04 8.51
C ASN B 158 -14.77 -6.03 9.53
N GLN B 159 -13.46 -5.98 9.79
CA GLN B 159 -12.88 -6.91 10.77
C GLN B 159 -13.24 -6.43 12.18
N ARG B 160 -13.29 -7.36 13.13
CA ARG B 160 -13.56 -6.97 14.51
C ARG B 160 -12.36 -6.11 14.88
N ILE B 161 -12.62 -4.94 15.46
CA ILE B 161 -11.54 -4.01 15.80
C ILE B 161 -11.43 -3.74 17.31
N GLY B 162 -12.52 -3.96 18.02
CA GLY B 162 -12.54 -3.74 19.46
C GLY B 162 -13.81 -4.26 20.08
N GLN B 163 -14.08 -3.81 21.31
CA GLN B 163 -15.28 -4.24 22.03
C GLN B 163 -15.85 -3.12 22.86
N LEU B 164 -17.14 -3.22 23.15
CA LEU B 164 -17.81 -2.26 23.98
C LEU B 164 -18.11 -2.99 25.29
N ILE B 165 -17.70 -2.41 26.41
CA ILE B 165 -17.96 -2.96 27.73
C ILE B 165 -19.06 -2.05 28.28
N PHE B 166 -20.18 -2.63 28.67
CA PHE B 166 -21.30 -1.85 29.20
C PHE B 166 -21.39 -1.87 30.71
N SER B 167 -21.55 -0.69 31.31
CA SER B 167 -21.65 -0.60 32.76
C SER B 167 -22.91 0.12 33.21
N LYS B 168 -23.50 -0.39 34.30
CA LYS B 168 -24.70 0.21 34.86
C LYS B 168 -24.32 1.47 35.62
N LEU B 169 -25.20 2.47 35.61
CA LEU B 169 -24.93 3.69 36.36
C LEU B 169 -25.61 3.50 37.71
N LEU B 170 -25.10 4.18 38.73
CA LEU B 170 -25.65 4.10 40.10
C LEU B 170 -27.05 4.70 40.14
N SER B 171 -27.30 5.63 39.24
CA SER B 171 -28.59 6.31 39.13
C SER B 171 -28.73 6.77 37.69
N PRO B 172 -29.96 7.04 37.24
CA PRO B 172 -30.12 7.49 35.86
C PRO B 172 -29.53 8.89 35.71
N ALA B 173 -28.98 9.18 34.54
CA ALA B 173 -28.38 10.47 34.25
C ALA B 173 -29.44 11.41 33.67
N ASP B 174 -29.14 12.71 33.66
CA ASP B 174 -30.04 13.73 33.14
C ASP B 174 -29.80 14.13 31.69
N VAL B 175 -29.23 13.23 30.90
CA VAL B 175 -28.99 13.53 29.49
C VAL B 175 -29.16 12.24 28.69
#